data_5QHV
#
_entry.id   5QHV
#
_cell.length_a   34.076
_cell.length_b   41.697
_cell.length_c   110.967
_cell.angle_alpha   90.000
_cell.angle_beta   90.000
_cell.angle_gamma   90.000
#
_symmetry.space_group_name_H-M   'P 21 21 21'
#
loop_
_entity.id
_entity.type
_entity.pdbx_description
1 polymer 'Poly [ADP-ribose] polymerase 14'
2 non-polymer 'CHLORIDE ION'
3 non-polymer 'DIMETHYL SULFOXIDE'
4 non-polymer 1-cyclohexyl-3-(2-pyridin-4-ylethyl)urea
5 water water
#
_entity_poly.entity_id   1
_entity_poly.type   'polypeptide(L)'
_entity_poly.pdbx_seq_one_letter_code
;SMFYGTVSSPDSGVYEMKIGSIIFQVASGDITKEEADVIVNSTSNSFNLKAGVSKAILECAGQNVERECSQQAQQRKNDY
IITGGGFLRCKNIIHVIGGNDVKSSVSSVLQECEKKNYSSICLPAIGTGNAKQHPDKVAEAIIDAIEDFVQKGSAQSVKK
VKVVIFLPQVLDVFYANMKKREG
;
_entity_poly.pdbx_strand_id   A
#
# COMPACT_ATOMS: atom_id res chain seq x y z
N MET A 2 -20.29 -10.06 -5.28
CA MET A 2 -20.53 -9.67 -6.71
C MET A 2 -19.28 -9.21 -7.47
N PHE A 3 -18.09 -9.46 -6.94
CA PHE A 3 -16.81 -8.91 -7.51
C PHE A 3 -15.58 -9.84 -7.65
N TYR A 4 -15.51 -10.91 -6.86
CA TYR A 4 -14.28 -11.68 -6.71
C TYR A 4 -14.10 -12.79 -7.73
N GLY A 5 -12.92 -12.84 -8.33
CA GLY A 5 -12.52 -13.97 -9.19
C GLY A 5 -11.86 -15.10 -8.39
N THR A 6 -11.12 -15.93 -9.10
CA THR A 6 -10.47 -17.13 -8.55
C THR A 6 -9.04 -16.80 -8.08
N VAL A 7 -8.59 -17.38 -6.96
CA VAL A 7 -7.20 -17.25 -6.52
C VAL A 7 -6.28 -18.20 -7.29
N SER A 8 -5.20 -17.70 -7.88
CA SER A 8 -4.19 -18.55 -8.53
C SER A 8 -2.78 -18.03 -8.22
N SER A 9 -1.75 -18.76 -8.67
CA SER A 9 -0.35 -18.46 -8.30
C SER A 9 0.54 -18.33 -9.54
N PRO A 10 0.95 -17.10 -9.88
CA PRO A 10 1.85 -16.92 -11.04
C PRO A 10 3.32 -17.30 -10.82
N ASP A 11 3.79 -17.30 -9.57
CA ASP A 11 5.15 -17.73 -9.22
C ASP A 11 5.13 -18.28 -7.79
N SER A 12 6.21 -18.95 -7.39
CA SER A 12 6.30 -19.60 -6.07
C SER A 12 6.08 -18.59 -4.92
N GLY A 13 5.05 -18.84 -4.12
CA GLY A 13 4.69 -17.95 -2.98
C GLY A 13 3.96 -16.66 -3.33
N VAL A 14 3.54 -16.49 -4.60
CA VAL A 14 2.87 -15.27 -5.09
C VAL A 14 1.44 -15.66 -5.46
N TYR A 15 0.45 -14.84 -5.08
CA TYR A 15 -0.97 -15.18 -5.26
C TYR A 15 -1.75 -13.98 -5.80
N GLU A 16 -2.72 -14.23 -6.69
CA GLU A 16 -3.52 -13.14 -7.24
C GLU A 16 -4.98 -13.52 -7.46
N MET A 17 -5.84 -12.50 -7.47
CA MET A 17 -7.26 -12.66 -7.81
C MET A 17 -7.81 -11.34 -8.34
N LYS A 18 -8.79 -11.41 -9.22
CA LYS A 18 -9.53 -10.20 -9.61
C LYS A 18 -10.50 -9.73 -8.53
N ILE A 19 -10.57 -8.41 -8.33
CA ILE A 19 -11.62 -7.76 -7.54
C ILE A 19 -12.23 -6.71 -8.50
N GLY A 20 -13.36 -7.04 -9.14
CA GLY A 20 -13.87 -6.21 -10.24
C GLY A 20 -12.81 -6.09 -11.33
N SER A 21 -12.52 -4.86 -11.76
CA SER A 21 -11.53 -4.61 -12.80
C SER A 21 -10.06 -4.59 -12.33
N ILE A 22 -9.82 -4.74 -11.02
CA ILE A 22 -8.46 -4.65 -10.44
C ILE A 22 -7.86 -6.06 -10.23
N ILE A 23 -6.59 -6.24 -10.61
CA ILE A 23 -5.84 -7.44 -10.22
C ILE A 23 -5.18 -7.15 -8.85
N PHE A 24 -5.55 -7.95 -7.84
CA PHE A 24 -4.98 -7.87 -6.49
C PHE A 24 -3.95 -9.00 -6.32
N GLN A 25 -2.71 -8.65 -5.98
CA GLN A 25 -1.62 -9.60 -5.82
C GLN A 25 -0.96 -9.47 -4.45
N VAL A 26 -0.46 -10.59 -3.92
CA VAL A 26 0.34 -10.61 -2.66
C VAL A 26 1.61 -11.46 -2.88
N ALA A 27 2.70 -11.07 -2.24
CA ALA A 27 3.98 -11.80 -2.28
C ALA A 27 4.82 -11.35 -1.10
N SER A 28 5.74 -12.21 -0.64
N SER A 28 5.74 -12.19 -0.64
N SER A 28 5.74 -12.20 -0.63
CA SER A 28 6.75 -11.83 0.33
CA SER A 28 6.72 -11.78 0.39
CA SER A 28 6.72 -11.80 0.35
C SER A 28 7.96 -11.24 -0.38
C SER A 28 8.03 -11.37 -0.27
C SER A 28 7.97 -11.27 -0.36
N GLY A 29 8.67 -10.34 0.29
CA GLY A 29 9.93 -9.80 -0.25
C GLY A 29 10.24 -8.40 0.21
N ASP A 30 11.19 -7.81 -0.50
CA ASP A 30 11.74 -6.49 -0.25
C ASP A 30 11.00 -5.43 -1.10
N ILE A 31 10.14 -4.64 -0.48
CA ILE A 31 9.33 -3.62 -1.20
C ILE A 31 10.17 -2.50 -1.87
N THR A 32 11.38 -2.25 -1.35
CA THR A 32 12.26 -1.20 -1.93
C THR A 32 12.83 -1.45 -3.34
N LYS A 33 12.77 -2.68 -3.84
CA LYS A 33 13.15 -2.96 -5.23
C LYS A 33 11.96 -3.24 -6.15
N GLU A 34 10.76 -2.84 -5.71
CA GLU A 34 9.55 -2.86 -6.59
C GLU A 34 9.46 -1.61 -7.47
N GLU A 35 8.84 -1.78 -8.64
CA GLU A 35 8.47 -0.69 -9.55
C GLU A 35 6.93 -0.57 -9.60
N ALA A 36 6.41 0.63 -9.37
CA ALA A 36 4.95 0.91 -9.46
C ALA A 36 4.79 2.41 -9.58
N ASP A 37 3.64 2.87 -10.05
CA ASP A 37 3.37 4.33 -10.07
C ASP A 37 3.48 4.94 -8.65
N VAL A 38 2.85 4.26 -7.67
CA VAL A 38 2.92 4.65 -6.26
C VAL A 38 3.42 3.48 -5.42
N ILE A 39 4.38 3.77 -4.53
CA ILE A 39 4.78 2.92 -3.40
C ILE A 39 4.28 3.57 -2.10
N VAL A 40 3.66 2.77 -1.22
CA VAL A 40 3.16 3.26 0.08
C VAL A 40 4.19 2.97 1.18
N ASN A 41 4.41 3.97 2.04
CA ASN A 41 5.24 3.83 3.25
C ASN A 41 4.34 3.87 4.47
N SER A 42 4.52 2.92 5.41
CA SER A 42 3.77 2.87 6.69
C SER A 42 4.63 3.52 7.78
N THR A 43 4.28 4.73 8.18
CA THR A 43 5.14 5.55 9.05
C THR A 43 4.37 5.98 10.32
N SER A 44 4.96 6.93 11.05
CA SER A 44 4.37 7.52 12.26
C SER A 44 3.64 8.83 11.93
N ASN A 45 2.95 9.37 12.92
CA ASN A 45 2.22 10.64 12.74
C ASN A 45 3.12 11.87 12.55
N SER A 46 4.43 11.70 12.74
CA SER A 46 5.44 12.76 12.45
C SER A 46 6.18 12.56 11.11
N PHE A 47 5.81 11.48 10.41
CA PHE A 47 6.37 11.14 9.09
C PHE A 47 7.90 11.03 9.05
N ASN A 48 8.49 10.52 10.14
CA ASN A 48 9.94 10.34 10.23
C ASN A 48 10.35 9.06 10.97
N LEU A 49 9.49 8.04 10.93
CA LEU A 49 9.80 6.72 11.49
C LEU A 49 10.88 6.13 10.58
N LYS A 50 11.90 5.50 11.18
N LYS A 50 11.88 5.49 11.19
N LYS A 50 11.90 5.50 11.18
CA LYS A 50 12.97 4.85 10.42
CA LYS A 50 12.96 4.85 10.46
CA LYS A 50 12.97 4.85 10.42
C LYS A 50 13.29 3.53 11.10
C LYS A 50 13.28 3.54 11.14
C LYS A 50 13.29 3.53 11.10
N ALA A 51 12.32 2.61 11.07
CA ALA A 51 12.43 1.29 11.72
C ALA A 51 11.63 0.27 10.89
N GLY A 52 12.21 -0.90 10.63
CA GLY A 52 11.53 -1.92 9.86
C GLY A 52 11.43 -1.50 8.41
N VAL A 53 10.25 -1.68 7.82
CA VAL A 53 10.04 -1.36 6.40
C VAL A 53 10.25 0.15 6.11
N SER A 54 9.85 1.05 7.01
CA SER A 54 10.09 2.50 6.84
C SER A 54 11.57 2.89 6.81
N LYS A 55 12.42 2.18 7.57
CA LYS A 55 13.87 2.38 7.53
C LYS A 55 14.36 2.15 6.12
N ALA A 56 14.01 0.98 5.57
CA ALA A 56 14.40 0.58 4.22
C ALA A 56 13.90 1.56 3.15
N ILE A 57 12.63 1.96 3.25
CA ILE A 57 12.05 2.93 2.29
C ILE A 57 12.77 4.30 2.38
N LEU A 58 12.92 4.88 3.58
CA LEU A 58 13.59 6.20 3.72
C LEU A 58 15.07 6.27 3.30
N GLU A 59 15.83 5.21 3.58
CA GLU A 59 17.25 5.15 3.21
C GLU A 59 17.43 4.95 1.71
N CYS A 60 16.58 4.15 1.09
N CYS A 60 16.58 4.15 1.09
N CYS A 60 16.58 4.15 1.09
CA CYS A 60 16.64 3.94 -0.36
CA CYS A 60 16.63 3.92 -0.35
CA CYS A 60 16.63 3.92 -0.35
C CYS A 60 16.13 5.14 -1.14
C CYS A 60 16.11 5.12 -1.15
C CYS A 60 16.11 5.12 -1.15
N ALA A 61 15.05 5.76 -0.66
CA ALA A 61 14.46 6.96 -1.31
C ALA A 61 15.39 8.18 -1.28
N GLY A 62 16.06 8.38 -0.14
CA GLY A 62 17.11 9.40 -0.04
C GLY A 62 16.75 10.55 0.84
N GLN A 63 17.74 11.41 1.10
CA GLN A 63 17.58 12.55 2.03
C GLN A 63 16.65 13.64 1.50
N ASN A 64 16.53 13.77 0.17
CA ASN A 64 15.58 14.75 -0.44
C ASN A 64 14.10 14.41 -0.13
N VAL A 65 13.77 13.12 -0.18
CA VAL A 65 12.45 12.63 0.28
C VAL A 65 12.27 12.82 1.79
N GLU A 66 13.29 12.48 2.58
CA GLU A 66 13.25 12.74 4.03
C GLU A 66 12.99 14.23 4.29
N ARG A 67 13.69 15.09 3.56
CA ARG A 67 13.48 16.54 3.62
C ARG A 67 12.07 16.98 3.22
N GLU A 68 11.53 16.38 2.15
CA GLU A 68 10.15 16.63 1.71
C GLU A 68 9.12 16.31 2.80
N CYS A 69 9.31 15.17 3.46
CA CYS A 69 8.42 14.73 4.58
C CYS A 69 8.37 15.70 5.78
N SER A 70 9.54 16.14 6.24
CA SER A 70 9.62 17.05 7.38
C SER A 70 9.16 18.45 7.01
N GLN A 71 9.49 18.89 5.79
CA GLN A 71 9.02 20.17 5.28
C GLN A 71 7.49 20.23 5.30
N GLN A 72 6.86 19.20 4.75
CA GLN A 72 5.38 19.09 4.70
C GLN A 72 4.73 18.89 6.09
N ALA A 73 5.39 18.13 6.97
CA ALA A 73 4.88 17.86 8.32
C ALA A 73 4.76 19.13 9.18
N GLN A 74 5.65 20.10 8.98
CA GLN A 74 5.61 21.37 9.72
C GLN A 74 4.75 22.49 9.08
N GLN A 75 3.82 22.12 8.19
CA GLN A 75 2.88 23.06 7.55
C GLN A 75 1.43 22.94 8.05
N ARG A 76 0.94 21.71 8.17
CA ARG A 76 -0.43 21.44 8.60
C ARG A 76 -0.52 20.08 9.32
N LYS A 77 -1.70 19.76 9.84
CA LYS A 77 -1.98 18.43 10.41
C LYS A 77 -2.39 17.50 9.26
N ASN A 78 -1.46 16.64 8.84
CA ASN A 78 -1.68 15.72 7.70
C ASN A 78 -2.11 14.33 8.20
N ASP A 79 -3.15 13.77 7.59
CA ASP A 79 -3.51 12.35 7.76
C ASP A 79 -2.55 11.43 6.97
N TYR A 80 -2.03 11.94 5.85
CA TYR A 80 -1.00 11.26 5.01
C TYR A 80 -0.32 12.35 4.18
N ILE A 81 0.84 12.06 3.62
N ILE A 81 0.84 12.00 3.61
N ILE A 81 0.84 12.06 3.62
CA ILE A 81 1.49 13.00 2.70
CA ILE A 81 1.71 12.92 2.84
CA ILE A 81 1.49 13.00 2.70
C ILE A 81 1.93 12.30 1.43
C ILE A 81 2.16 12.31 1.50
C ILE A 81 1.93 12.30 1.43
N ILE A 82 2.07 13.09 0.38
CA ILE A 82 2.54 12.63 -0.91
C ILE A 82 3.87 13.33 -1.24
N THR A 83 4.90 12.54 -1.53
CA THR A 83 6.24 13.08 -1.92
C THR A 83 6.66 12.47 -3.27
N GLY A 84 7.74 12.97 -3.84
CA GLY A 84 8.41 12.30 -4.93
C GLY A 84 8.93 10.93 -4.50
N GLY A 85 9.38 10.14 -5.48
CA GLY A 85 9.91 8.81 -5.23
C GLY A 85 11.39 8.71 -4.92
N GLY A 86 12.14 9.79 -5.11
CA GLY A 86 13.59 9.80 -4.87
C GLY A 86 14.23 8.72 -5.71
N PHE A 87 15.09 7.90 -5.09
CA PHE A 87 15.71 6.78 -5.79
C PHE A 87 14.95 5.44 -5.69
N LEU A 88 13.69 5.48 -5.25
CA LEU A 88 12.81 4.35 -5.46
C LEU A 88 12.27 4.39 -6.89
N ARG A 89 11.88 3.22 -7.38
CA ARG A 89 11.32 3.08 -8.71
C ARG A 89 9.79 3.34 -8.73
N CYS A 90 9.43 4.59 -8.48
CA CYS A 90 8.03 5.02 -8.51
C CYS A 90 7.95 6.49 -8.86
N LYS A 91 6.74 6.93 -9.20
CA LYS A 91 6.47 8.35 -9.48
C LYS A 91 6.24 9.17 -8.21
N ASN A 92 5.52 8.56 -7.23
CA ASN A 92 5.29 9.18 -5.92
C ASN A 92 5.31 8.14 -4.81
N ILE A 93 5.72 8.56 -3.61
CA ILE A 93 5.50 7.77 -2.38
C ILE A 93 4.32 8.40 -1.65
N ILE A 94 3.36 7.57 -1.20
CA ILE A 94 2.33 8.06 -0.28
C ILE A 94 2.65 7.48 1.12
N HIS A 95 2.89 8.38 2.08
CA HIS A 95 3.27 8.02 3.45
C HIS A 95 2.00 8.07 4.30
N VAL A 96 1.55 6.89 4.76
CA VAL A 96 0.34 6.76 5.60
C VAL A 96 0.79 6.46 7.05
N ILE A 97 -0.08 6.76 8.00
CA ILE A 97 0.20 6.55 9.43
C ILE A 97 -0.20 5.11 9.82
N GLY A 98 0.80 4.31 10.23
CA GLY A 98 0.57 2.90 10.50
C GLY A 98 -0.48 2.61 11.57
N GLY A 99 -0.62 3.51 12.56
CA GLY A 99 -1.61 3.36 13.63
C GLY A 99 -3.04 3.76 13.27
N ASN A 100 -3.24 4.44 12.14
CA ASN A 100 -4.57 4.86 11.69
C ASN A 100 -5.40 3.68 11.18
N ASP A 101 -6.71 3.89 11.07
CA ASP A 101 -7.62 2.96 10.42
C ASP A 101 -7.09 2.57 9.02
N VAL A 102 -6.79 1.29 8.83
CA VAL A 102 -6.15 0.85 7.58
C VAL A 102 -7.11 0.96 6.38
N LYS A 103 -8.39 0.63 6.57
CA LYS A 103 -9.34 0.79 5.46
C LYS A 103 -9.38 2.25 4.95
N SER A 104 -9.43 3.20 5.88
N SER A 104 -9.43 3.20 5.88
N SER A 104 -9.43 3.20 5.88
CA SER A 104 -9.40 4.62 5.53
CA SER A 104 -9.40 4.61 5.53
CA SER A 104 -9.40 4.62 5.53
C SER A 104 -8.13 5.03 4.79
C SER A 104 -8.13 4.99 4.76
C SER A 104 -8.13 5.03 4.79
N SER A 105 -6.98 4.54 5.26
CA SER A 105 -5.67 4.83 4.61
C SER A 105 -5.61 4.29 3.15
N VAL A 106 -6.05 3.06 2.96
CA VAL A 106 -6.07 2.46 1.61
C VAL A 106 -7.07 3.19 0.68
N SER A 107 -8.26 3.53 1.19
CA SER A 107 -9.23 4.30 0.41
C SER A 107 -8.64 5.62 -0.10
N SER A 108 -7.89 6.31 0.77
CA SER A 108 -7.20 7.57 0.40
C SER A 108 -6.12 7.36 -0.68
N VAL A 109 -5.30 6.31 -0.54
CA VAL A 109 -4.31 5.96 -1.58
C VAL A 109 -4.97 5.72 -2.94
N LEU A 110 -6.05 4.94 -2.96
CA LEU A 110 -6.77 4.63 -4.21
C LEU A 110 -7.29 5.92 -4.90
N GLN A 111 -7.92 6.79 -4.10
CA GLN A 111 -8.46 8.04 -4.61
C GLN A 111 -7.38 8.99 -5.17
N GLU A 112 -6.24 9.08 -4.48
CA GLU A 112 -5.11 9.90 -4.96
C GLU A 112 -4.49 9.34 -6.26
N CYS A 113 -4.47 8.01 -6.40
CA CYS A 113 -3.99 7.38 -7.63
C CYS A 113 -4.92 7.64 -8.82
N GLU A 114 -6.24 7.60 -8.61
CA GLU A 114 -7.17 8.02 -9.68
C GLU A 114 -7.01 9.48 -10.11
N LYS A 115 -6.80 10.37 -9.15
N LYS A 115 -6.78 10.38 -9.15
N LYS A 115 -6.78 10.38 -9.15
CA LYS A 115 -6.56 11.79 -9.44
CA LYS A 115 -6.55 11.79 -9.43
CA LYS A 115 -6.55 11.79 -9.43
C LYS A 115 -5.36 11.98 -10.38
C LYS A 115 -5.32 12.04 -10.32
C LYS A 115 -5.32 12.04 -10.32
N LYS A 116 -4.33 11.16 -10.23
CA LYS A 116 -3.11 11.23 -11.09
C LYS A 116 -3.17 10.30 -12.33
N ASN A 117 -4.28 9.60 -12.56
CA ASN A 117 -4.40 8.64 -13.68
C ASN A 117 -3.35 7.51 -13.61
N TYR A 118 -3.00 7.11 -12.40
CA TYR A 118 -2.04 6.03 -12.18
C TYR A 118 -2.72 4.65 -12.30
N SER A 119 -1.94 3.67 -12.73
CA SER A 119 -2.42 2.31 -12.95
C SER A 119 -1.94 1.25 -11.96
N SER A 120 -0.79 1.46 -11.30
CA SER A 120 -0.21 0.46 -10.40
C SER A 120 0.19 1.03 -9.03
N ILE A 121 -0.07 0.21 -8.00
CA ILE A 121 0.22 0.55 -6.60
C ILE A 121 0.92 -0.64 -5.93
N CYS A 122 1.92 -0.35 -5.11
N CYS A 122 1.92 -0.35 -5.11
N CYS A 122 1.92 -0.34 -5.10
CA CYS A 122 2.54 -1.38 -4.25
CA CYS A 122 2.54 -1.38 -4.25
CA CYS A 122 2.57 -1.32 -4.23
C CYS A 122 2.57 -0.88 -2.80
C CYS A 122 2.57 -0.88 -2.80
C CYS A 122 2.49 -0.83 -2.79
N LEU A 123 2.11 -1.72 -1.87
CA LEU A 123 2.02 -1.36 -0.44
C LEU A 123 2.56 -2.49 0.44
N PRO A 124 3.02 -2.14 1.65
CA PRO A 124 3.34 -3.15 2.67
C PRO A 124 2.07 -3.58 3.42
N ALA A 125 2.21 -4.51 4.37
CA ALA A 125 1.11 -4.87 5.30
C ALA A 125 1.00 -3.75 6.35
N ILE A 126 0.37 -2.66 5.93
CA ILE A 126 0.30 -1.38 6.67
C ILE A 126 -0.09 -1.64 8.13
N GLY A 127 0.69 -1.10 9.06
CA GLY A 127 0.34 -1.15 10.50
C GLY A 127 0.80 -2.39 11.28
N THR A 128 1.34 -3.40 10.58
CA THR A 128 1.76 -4.64 11.26
C THR A 128 3.15 -4.55 11.87
N GLY A 129 3.91 -3.49 11.58
CA GLY A 129 5.25 -3.28 12.12
C GLY A 129 5.22 -2.53 13.44
N ASN A 130 5.77 -1.31 13.47
CA ASN A 130 5.85 -0.51 14.72
C ASN A 130 4.47 -0.32 15.40
N ALA A 131 3.41 -0.16 14.59
CA ALA A 131 2.07 0.08 15.14
C ALA A 131 1.43 -1.15 15.79
N LYS A 132 1.93 -2.34 15.46
CA LYS A 132 1.49 -3.60 16.06
C LYS A 132 -0.04 -3.82 15.97
N GLN A 133 -0.63 -3.51 14.81
CA GLN A 133 -1.98 -3.95 14.48
C GLN A 133 -1.94 -5.43 14.08
N HIS A 134 -3.03 -6.17 14.32
CA HIS A 134 -3.05 -7.60 14.07
C HIS A 134 -3.13 -7.94 12.57
N PRO A 135 -2.28 -8.88 12.09
CA PRO A 135 -2.26 -9.20 10.65
C PRO A 135 -3.58 -9.52 9.93
N ASP A 136 -4.47 -10.33 10.52
CA ASP A 136 -5.75 -10.63 9.84
C ASP A 136 -6.69 -9.42 9.79
N LYS A 137 -6.66 -8.57 10.81
CA LYS A 137 -7.44 -7.30 10.78
C LYS A 137 -6.92 -6.36 9.68
N VAL A 138 -5.60 -6.30 9.52
CA VAL A 138 -4.98 -5.52 8.44
C VAL A 138 -5.35 -6.09 7.04
N ALA A 139 -5.24 -7.40 6.87
CA ALA A 139 -5.62 -8.04 5.59
C ALA A 139 -7.10 -7.77 5.24
N GLU A 140 -7.98 -7.94 6.25
CA GLU A 140 -9.42 -7.71 6.04
C GLU A 140 -9.69 -6.26 5.59
N ALA A 141 -9.02 -5.32 6.23
CA ALA A 141 -9.16 -3.89 5.95
C ALA A 141 -8.67 -3.49 4.55
N ILE A 142 -7.49 -3.98 4.15
CA ILE A 142 -6.95 -3.68 2.82
C ILE A 142 -7.90 -4.18 1.71
N ILE A 143 -8.31 -5.44 1.82
CA ILE A 143 -9.16 -6.02 0.78
C ILE A 143 -10.56 -5.35 0.79
N ASP A 144 -11.11 -5.09 1.97
CA ASP A 144 -12.41 -4.36 2.07
C ASP A 144 -12.35 -2.98 1.38
N ALA A 145 -11.24 -2.26 1.55
CA ALA A 145 -11.10 -0.94 0.90
C ALA A 145 -11.17 -1.04 -0.63
N ILE A 146 -10.49 -2.04 -1.19
CA ILE A 146 -10.51 -2.27 -2.63
C ILE A 146 -11.94 -2.67 -3.10
N GLU A 147 -12.59 -3.57 -2.36
CA GLU A 147 -13.99 -3.94 -2.69
C GLU A 147 -14.93 -2.73 -2.72
N ASP A 148 -14.83 -1.86 -1.72
N ASP A 148 -14.84 -1.86 -1.72
N ASP A 148 -14.83 -1.86 -1.72
CA ASP A 148 -15.68 -0.66 -1.66
CA ASP A 148 -15.69 -0.66 -1.66
CA ASP A 148 -15.68 -0.66 -1.66
C ASP A 148 -15.42 0.29 -2.83
C ASP A 148 -15.43 0.29 -2.84
C ASP A 148 -15.42 0.29 -2.83
N PHE A 149 -14.15 0.49 -3.18
CA PHE A 149 -13.74 1.35 -4.31
C PHE A 149 -14.31 0.84 -5.66
N VAL A 150 -14.27 -0.47 -5.86
CA VAL A 150 -14.85 -1.09 -7.04
C VAL A 150 -16.40 -1.03 -7.03
N GLN A 151 -17.01 -1.33 -5.88
CA GLN A 151 -18.49 -1.27 -5.72
C GLN A 151 -19.07 0.10 -6.09
N LYS A 152 -18.35 1.17 -5.74
CA LYS A 152 -18.76 2.56 -6.02
C LYS A 152 -18.49 3.01 -7.47
N GLY A 153 -17.90 2.15 -8.29
CA GLY A 153 -17.58 2.49 -9.68
C GLY A 153 -16.40 3.43 -9.82
N SER A 154 -15.54 3.49 -8.80
CA SER A 154 -14.45 4.47 -8.75
C SER A 154 -13.17 4.03 -9.48
N ALA A 155 -13.03 2.73 -9.76
CA ALA A 155 -11.83 2.20 -10.43
C ALA A 155 -11.96 2.50 -11.92
N GLN A 156 -11.04 3.29 -12.45
CA GLN A 156 -10.98 3.65 -13.88
C GLN A 156 -9.53 3.50 -14.39
N SER A 157 -8.62 4.29 -13.85
N SER A 157 -8.61 4.30 -13.84
N SER A 157 -8.62 4.29 -13.85
CA SER A 157 -7.20 4.20 -14.17
CA SER A 157 -7.19 4.18 -14.18
CA SER A 157 -7.20 4.20 -14.17
C SER A 157 -6.48 3.07 -13.41
C SER A 157 -6.49 3.06 -13.40
C SER A 157 -6.48 3.07 -13.41
N VAL A 158 -6.84 2.85 -12.13
CA VAL A 158 -6.17 1.81 -11.29
C VAL A 158 -6.48 0.39 -11.77
N LYS A 159 -5.43 -0.36 -12.12
CA LYS A 159 -5.54 -1.73 -12.65
C LYS A 159 -4.87 -2.83 -11.83
N LYS A 160 -3.85 -2.47 -11.01
CA LYS A 160 -3.09 -3.47 -10.27
C LYS A 160 -2.73 -2.93 -8.89
N VAL A 161 -3.04 -3.71 -7.85
CA VAL A 161 -2.69 -3.38 -6.45
C VAL A 161 -1.92 -4.59 -5.89
N LYS A 162 -0.65 -4.39 -5.52
CA LYS A 162 0.23 -5.47 -5.02
C LYS A 162 0.66 -5.20 -3.58
N VAL A 163 0.48 -6.17 -2.68
CA VAL A 163 1.00 -6.07 -1.31
C VAL A 163 2.29 -6.90 -1.24
N VAL A 164 3.42 -6.23 -0.99
CA VAL A 164 4.73 -6.91 -0.80
C VAL A 164 5.02 -6.88 0.71
N ILE A 165 5.13 -8.08 1.28
CA ILE A 165 5.02 -8.31 2.71
C ILE A 165 6.37 -8.81 3.26
N PHE A 166 6.87 -8.16 4.30
CA PHE A 166 8.20 -8.50 4.83
C PHE A 166 8.29 -9.93 5.40
N LEU A 167 7.30 -10.31 6.21
CA LEU A 167 7.30 -11.64 6.86
C LEU A 167 6.45 -12.69 6.10
N PRO A 168 7.07 -13.82 5.73
CA PRO A 168 6.28 -14.92 5.15
C PRO A 168 5.05 -15.34 5.98
N GLN A 169 5.14 -15.30 7.31
CA GLN A 169 3.99 -15.66 8.14
C GLN A 169 2.80 -14.71 7.95
N VAL A 170 3.06 -13.45 7.62
CA VAL A 170 1.99 -12.48 7.33
C VAL A 170 1.41 -12.73 5.91
N LEU A 171 2.29 -13.07 4.96
CA LEU A 171 1.82 -13.50 3.63
C LEU A 171 0.78 -14.63 3.72
N ASP A 172 1.02 -15.61 4.62
CA ASP A 172 0.10 -16.74 4.77
C ASP A 172 -1.30 -16.27 5.25
N VAL A 173 -1.34 -15.28 6.12
CA VAL A 173 -2.60 -14.67 6.58
C VAL A 173 -3.38 -13.97 5.44
N PHE A 174 -2.67 -13.24 4.58
CA PHE A 174 -3.29 -12.60 3.42
C PHE A 174 -3.87 -13.65 2.44
N TYR A 175 -3.10 -14.71 2.17
CA TYR A 175 -3.59 -15.81 1.32
C TYR A 175 -4.92 -16.39 1.84
N ALA A 176 -4.98 -16.67 3.14
CA ALA A 176 -6.21 -17.24 3.71
C ALA A 176 -7.40 -16.29 3.56
N ASN A 177 -7.18 -14.98 3.71
CA ASN A 177 -8.25 -13.99 3.57
C ASN A 177 -8.76 -13.95 2.11
N MET A 178 -7.84 -14.02 1.14
CA MET A 178 -8.22 -14.13 -0.29
C MET A 178 -9.07 -15.39 -0.59
N LYS A 179 -8.66 -16.53 -0.05
CA LYS A 179 -9.40 -17.79 -0.25
C LYS A 179 -10.82 -17.74 0.35
N LYS A 180 -10.97 -17.07 1.48
CA LYS A 180 -12.28 -16.85 2.12
C LYS A 180 -13.24 -16.12 1.14
N ARG A 181 -12.71 -15.18 0.37
CA ARG A 181 -13.55 -14.36 -0.51
C ARG A 181 -13.81 -14.89 -1.92
N GLU A 182 -13.03 -15.87 -2.38
CA GLU A 182 -13.04 -16.19 -3.83
C GLU A 182 -14.39 -16.65 -4.36
N GLY A 183 -14.68 -16.27 -5.60
CA GLY A 183 -15.98 -16.49 -6.22
C GLY A 183 -16.13 -17.87 -6.84
#